data_1TET
#
_entry.id   1TET
#
_cell.length_a   104.150
_cell.length_b   110.610
_cell.length_c   40.680
_cell.angle_alpha   90.00
_cell.angle_beta   90.00
_cell.angle_gamma   90.00
#
_symmetry.space_group_name_H-M   'P 21 21 2'
#
loop_
_entity.id
_entity.type
_entity.pdbx_description
1 polymer 'IGG1 TE33 FAB (LIGHT CHAIN)'
2 polymer 'IGG1 TE33 FAB (HEAVY CHAIN)'
3 polymer 'CHOLERA TOXIN PEPTIDE 3 (CTP3)'
4 non-polymer 'CITRIC ACID'
5 water water
#
loop_
_entity_poly.entity_id
_entity_poly.type
_entity_poly.pdbx_seq_one_letter_code
_entity_poly.pdbx_strand_id
1 'polypeptide(L)'
;DVLMTQTPLSLPVSLGDQASISCKSSQSIVHSSGNTYFEWYLQKPGQSPKLLIYKVSNRFSGVPDRFSGSGSGTDFTLKI
SRVEAEDLGVYYCFQGSHIPFTFGSGTKLEIKRADAAPTVSIFPPSSEQLTSGGASVVCFLNNFYPKDINVKWKIDGSER
QNGVLNSWTDQDSKDSTYSMSSTLTLTKDEYEWHNSYTCEATHKTSTSPIVKSFNR
;
L
2 'polypeptide(L)'
;QIQLVQSGPELKTPGETVRISCKASGYTFTTYGMSWVKQTPGKGFKWMGWINTYSGVPTYADDFKGRFAFSLETSASTAY
LQINNLKNEDTATYFCARRSWYFDVWGTGTTVTVSSAKTTPPSVYPLAPGSMVTLGCLVKGYFPEPVTVTWNSGSLSSGV
HTFPAVLQSDLYTLSSSVTVPSSPRPSETVTCNVAHPASSTKVDKKIVPR
;
H
3 'polypeptide(L)' VEVPGSQHIDSQKKA P
#
loop_
_chem_comp.id
_chem_comp.type
_chem_comp.name
_chem_comp.formula
CIT non-polymer 'CITRIC ACID' 'C6 H8 O7'
#
# COMPACT_ATOMS: atom_id res chain seq x y z
N ASP A 1 -9.21 25.37 -10.22
CA ASP A 1 -9.50 24.13 -9.55
C ASP A 1 -9.81 24.56 -8.14
N VAL A 2 -10.29 23.65 -7.33
CA VAL A 2 -10.62 23.95 -5.95
C VAL A 2 -9.50 23.16 -5.31
N LEU A 3 -8.69 23.85 -4.53
CA LEU A 3 -7.57 23.27 -3.81
C LEU A 3 -8.25 22.80 -2.54
N MET A 4 -7.82 21.67 -2.01
CA MET A 4 -8.38 21.03 -0.83
C MET A 4 -7.14 20.82 0.02
N THR A 5 -7.03 21.50 1.14
CA THR A 5 -5.84 21.37 1.96
C THR A 5 -6.29 20.62 3.20
N GLN A 6 -5.55 19.63 3.59
CA GLN A 6 -5.99 18.76 4.67
C GLN A 6 -5.03 18.83 5.85
N THR A 7 -5.47 18.85 7.09
CA THR A 7 -4.61 18.88 8.25
C THR A 7 -5.17 17.84 9.23
N PRO A 8 -4.43 17.14 10.09
CA PRO A 8 -2.98 16.88 10.02
C PRO A 8 -2.49 16.02 8.86
N LEU A 9 -1.18 15.85 8.70
CA LEU A 9 -0.65 14.97 7.70
C LEU A 9 -0.43 13.57 8.30
N SER A 10 -0.24 13.53 9.63
CA SER A 10 -0.05 12.32 10.42
C SER A 10 -0.88 12.57 11.67
N LEU A 11 -1.59 11.64 12.32
CA LEU A 11 -2.36 11.95 13.53
C LEU A 11 -2.25 10.73 14.46
N PRO A 12 -1.18 10.59 15.26
CA PRO A 12 -1.09 9.54 16.27
C PRO A 12 -2.19 9.86 17.29
N VAL A 13 -2.97 8.87 17.68
CA VAL A 13 -4.05 9.01 18.64
C VAL A 13 -4.14 7.67 19.34
N SER A 14 -4.45 7.78 20.61
CA SER A 14 -4.68 6.66 21.47
C SER A 14 -6.00 5.97 21.12
N LEU A 15 -6.02 4.67 21.36
CA LEU A 15 -7.22 3.86 21.28
C LEU A 15 -8.20 4.45 22.28
N GLY A 16 -9.48 4.43 22.01
CA GLY A 16 -10.48 4.99 22.91
C GLY A 16 -10.64 6.47 22.73
N ASP A 17 -9.59 7.23 22.43
CA ASP A 17 -9.66 8.68 22.25
C ASP A 17 -10.43 9.18 21.02
N GLN A 18 -10.74 10.51 20.95
CA GLN A 18 -11.39 11.13 19.80
C GLN A 18 -10.32 11.68 18.85
N ALA A 19 -10.65 11.94 17.58
CA ALA A 19 -9.73 12.45 16.58
C ALA A 19 -10.49 13.32 15.57
N SER A 20 -10.04 14.53 15.22
CA SER A 20 -10.68 15.27 14.16
C SER A 20 -9.68 15.51 13.03
N ILE A 21 -10.12 15.62 11.76
CA ILE A 21 -9.28 15.83 10.63
C ILE A 21 -10.05 16.88 9.85
N SER A 22 -9.37 17.94 9.42
CA SER A 22 -10.05 19.04 8.80
C SER A 22 -9.58 19.20 7.39
N CYS A 23 -10.38 19.83 6.53
CA CYS A 23 -10.02 20.03 5.16
C CYS A 23 -10.62 21.40 4.83
N LYS A 24 -9.85 22.22 4.12
CA LYS A 24 -10.27 23.56 3.72
C LYS A 24 -10.25 23.62 2.20
N SER A 25 -11.30 24.15 1.59
CA SER A 25 -11.28 24.21 0.17
C SER A 25 -10.89 25.62 -0.16
N SER A 26 -10.31 25.85 -1.35
CA SER A 26 -9.90 27.20 -1.66
C SER A 26 -11.03 28.09 -2.15
N GLN A 27 -12.21 27.57 -2.48
CA GLN A 27 -13.36 28.37 -2.86
C GLN A 27 -14.55 27.53 -2.42
N SER A 28 -15.76 28.06 -2.38
CA SER A 28 -16.85 27.30 -1.85
C SER A 28 -17.21 26.09 -2.71
N ILE A 29 -17.48 24.98 -2.02
CA ILE A 29 -17.94 23.82 -2.73
C ILE A 29 -19.43 23.56 -2.55
N VAL A 30 -20.21 24.63 -2.54
CA VAL A 30 -21.64 24.48 -2.62
C VAL A 30 -21.92 24.42 -4.11
N HIS A 31 -22.58 23.34 -4.52
CA HIS A 31 -22.96 23.15 -5.90
C HIS A 31 -23.99 24.23 -6.20
N SER A 32 -24.19 24.63 -7.45
CA SER A 32 -25.18 25.63 -7.81
C SER A 32 -26.57 25.23 -7.34
N SER A 33 -26.86 23.95 -7.26
CA SER A 33 -28.13 23.49 -6.70
C SER A 33 -28.32 23.73 -5.20
N GLY A 34 -27.29 24.11 -4.42
CA GLY A 34 -27.47 24.31 -3.01
C GLY A 34 -26.89 23.16 -2.22
N ASN A 35 -26.80 21.96 -2.81
CA ASN A 35 -26.19 20.79 -2.17
C ASN A 35 -24.68 20.89 -2.11
N THR A 36 -23.97 20.16 -1.24
CA THR A 36 -22.53 20.22 -1.15
C THR A 36 -22.12 18.79 -1.27
N TYR A 37 -21.62 18.37 -2.44
CA TYR A 37 -21.16 16.99 -2.63
C TYR A 37 -19.78 16.85 -2.02
N PHE A 38 -19.67 16.76 -0.70
CA PHE A 38 -18.40 16.66 0.02
C PHE A 38 -18.34 15.32 0.70
N GLU A 39 -17.22 14.58 0.54
CA GLU A 39 -17.03 13.20 1.07
C GLU A 39 -15.70 12.83 1.75
N TRP A 40 -15.75 11.88 2.69
CA TRP A 40 -14.55 11.38 3.34
C TRP A 40 -14.35 9.89 2.97
N TYR A 41 -13.15 9.52 2.50
CA TYR A 41 -12.76 8.14 2.17
C TYR A 41 -11.63 7.74 3.10
N LEU A 42 -11.61 6.47 3.48
CA LEU A 42 -10.49 5.88 4.19
C LEU A 42 -9.85 4.87 3.22
N GLN A 43 -8.52 4.79 3.13
CA GLN A 43 -7.88 3.74 2.35
C GLN A 43 -6.86 3.13 3.31
N LYS A 44 -6.97 1.82 3.45
CA LYS A 44 -6.05 1.00 4.24
C LYS A 44 -4.86 0.64 3.36
N PRO A 45 -3.64 0.38 3.85
CA PRO A 45 -2.58 -0.20 3.02
C PRO A 45 -3.06 -1.47 2.26
N GLY A 46 -2.81 -1.47 0.95
CA GLY A 46 -3.17 -2.59 0.11
C GLY A 46 -4.69 -2.69 -0.11
N GLN A 47 -5.44 -1.58 -0.16
CA GLN A 47 -6.88 -1.65 -0.32
C GLN A 47 -7.43 -0.50 -1.11
N SER A 48 -8.56 -0.66 -1.82
CA SER A 48 -9.27 0.45 -2.44
C SER A 48 -9.92 1.38 -1.41
N PRO A 49 -10.12 2.66 -1.72
CA PRO A 49 -10.84 3.62 -0.85
C PRO A 49 -12.22 3.18 -0.33
N LYS A 50 -12.56 3.57 0.91
CA LYS A 50 -13.79 3.17 1.61
C LYS A 50 -14.65 4.40 1.81
N LEU A 51 -15.90 4.39 1.42
CA LEU A 51 -16.73 5.56 1.59
C LEU A 51 -17.15 5.75 3.03
N LEU A 52 -16.75 6.83 3.70
CA LEU A 52 -17.22 7.02 5.07
C LEU A 52 -18.45 7.90 5.14
N ILE A 53 -18.30 9.15 4.67
CA ILE A 53 -19.31 10.22 4.77
C ILE A 53 -19.51 10.83 3.36
N TYR A 54 -20.73 11.18 2.99
CA TYR A 54 -21.03 11.98 1.81
C TYR A 54 -21.86 13.18 2.26
N LYS A 55 -21.97 14.18 1.36
CA LYS A 55 -22.78 15.35 1.55
C LYS A 55 -22.62 15.97 2.92
N VAL A 56 -21.34 16.08 3.27
CA VAL A 56 -20.78 16.69 4.46
C VAL A 56 -21.01 15.89 5.73
N SER A 57 -22.24 15.49 6.06
CA SER A 57 -22.43 14.80 7.29
C SER A 57 -23.20 13.51 7.25
N ASN A 58 -23.39 12.84 6.11
CA ASN A 58 -24.20 11.63 6.15
C ASN A 58 -23.40 10.38 6.16
N ARG A 59 -23.50 9.56 7.21
CA ARG A 59 -22.77 8.29 7.26
C ARG A 59 -23.33 7.36 6.18
N PHE A 60 -22.46 6.71 5.46
CA PHE A 60 -22.86 5.71 4.49
C PHE A 60 -23.39 4.46 5.21
N SER A 61 -23.79 3.41 4.50
CA SER A 61 -24.38 2.21 5.05
C SER A 61 -23.34 1.37 5.78
N GLY A 62 -23.68 0.90 6.98
CA GLY A 62 -22.78 0.05 7.71
C GLY A 62 -21.53 0.80 8.11
N VAL A 63 -21.63 2.09 8.44
CA VAL A 63 -20.47 2.80 8.90
C VAL A 63 -20.78 3.03 10.36
N PRO A 64 -19.82 2.91 11.29
CA PRO A 64 -20.04 3.03 12.71
C PRO A 64 -20.36 4.45 13.10
N ASP A 65 -21.37 4.66 13.93
CA ASP A 65 -21.72 5.97 14.49
C ASP A 65 -20.61 6.77 15.20
N ARG A 66 -19.45 6.16 15.42
CA ARG A 66 -18.29 6.87 16.01
C ARG A 66 -17.72 7.92 15.05
N PHE A 67 -17.97 7.66 13.75
CA PHE A 67 -17.56 8.51 12.64
C PHE A 67 -18.62 9.57 12.45
N SER A 68 -18.29 10.85 12.41
CA SER A 68 -19.28 11.85 12.07
C SER A 68 -18.64 13.03 11.31
N GLY A 69 -19.36 13.76 10.45
CA GLY A 69 -18.72 14.83 9.71
C GLY A 69 -19.43 16.15 9.90
N SER A 70 -18.74 17.30 9.71
CA SER A 70 -19.31 18.67 9.88
C SER A 70 -18.61 19.74 8.99
N GLY A 71 -19.18 20.93 8.90
CA GLY A 71 -18.56 22.02 8.19
C GLY A 71 -19.48 22.63 7.14
N SER A 72 -19.07 23.81 6.67
CA SER A 72 -19.88 24.58 5.78
C SER A 72 -18.96 25.23 4.75
N GLY A 73 -19.49 25.43 3.54
CA GLY A 73 -18.85 26.19 2.47
C GLY A 73 -17.41 25.83 2.15
N THR A 74 -16.42 26.16 2.97
CA THR A 74 -15.02 25.95 2.68
C THR A 74 -14.32 25.19 3.76
N ASP A 75 -14.88 25.01 4.95
CA ASP A 75 -14.26 24.33 6.07
C ASP A 75 -15.08 23.18 6.54
N PHE A 76 -14.44 22.00 6.63
CA PHE A 76 -15.06 20.73 7.00
C PHE A 76 -14.14 19.98 7.92
N THR A 77 -14.70 19.04 8.69
CA THR A 77 -14.00 18.25 9.71
C THR A 77 -14.66 16.88 9.77
N LEU A 78 -13.89 15.81 9.92
CA LEU A 78 -14.38 14.44 10.17
C LEU A 78 -13.92 14.21 11.61
N LYS A 79 -14.76 13.62 12.45
CA LYS A 79 -14.40 13.27 13.82
C LYS A 79 -14.59 11.76 13.95
N ILE A 80 -13.57 11.11 14.49
CA ILE A 80 -13.71 9.73 14.92
C ILE A 80 -13.70 9.85 16.44
N SER A 81 -14.81 9.61 17.14
CA SER A 81 -14.82 9.57 18.60
C SER A 81 -14.38 8.15 18.92
N ARG A 82 -13.64 7.80 19.98
CA ARG A 82 -13.23 6.42 20.22
C ARG A 82 -12.59 5.74 19.00
N VAL A 83 -11.28 5.91 18.93
CA VAL A 83 -10.49 5.31 17.89
C VAL A 83 -10.27 3.86 18.27
N GLU A 84 -10.53 2.97 17.33
CA GLU A 84 -10.31 1.55 17.46
C GLU A 84 -9.06 1.19 16.63
N ALA A 85 -8.41 0.04 16.82
CA ALA A 85 -7.20 -0.29 16.06
C ALA A 85 -7.46 -0.40 14.56
N GLU A 86 -8.65 -0.86 14.22
CA GLU A 86 -9.10 -0.99 12.86
C GLU A 86 -9.23 0.31 12.12
N ASP A 87 -9.16 1.49 12.71
CA ASP A 87 -9.34 2.68 11.91
C ASP A 87 -8.03 3.10 11.28
N LEU A 88 -7.01 2.25 11.40
CA LEU A 88 -5.75 2.48 10.74
C LEU A 88 -5.99 2.63 9.22
N GLY A 89 -5.30 3.59 8.64
CA GLY A 89 -5.43 3.88 7.23
C GLY A 89 -5.12 5.36 7.03
N VAL A 90 -5.44 5.90 5.84
CA VAL A 90 -5.20 7.29 5.47
C VAL A 90 -6.60 7.78 5.08
N TYR A 91 -7.01 8.97 5.56
CA TYR A 91 -8.32 9.59 5.33
C TYR A 91 -8.14 10.68 4.31
N TYR A 92 -9.06 10.85 3.36
CA TYR A 92 -8.91 11.77 2.26
C TYR A 92 -10.26 12.40 2.09
N CYS A 93 -10.31 13.71 1.87
CA CYS A 93 -11.55 14.37 1.60
C CYS A 93 -11.57 14.57 0.12
N PHE A 94 -12.79 14.72 -0.38
CA PHE A 94 -13.08 14.84 -1.80
C PHE A 94 -14.21 15.84 -1.91
N GLN A 95 -14.20 16.70 -2.92
CA GLN A 95 -15.29 17.59 -3.21
C GLN A 95 -15.78 17.16 -4.61
N GLY A 96 -17.06 17.03 -4.89
CA GLY A 96 -17.51 16.59 -6.20
C GLY A 96 -18.54 17.58 -6.70
N SER A 97 -18.38 18.83 -6.32
CA SER A 97 -19.33 19.86 -6.69
C SER A 97 -18.81 20.61 -7.89
N HIS A 98 -17.49 20.85 -8.06
CA HIS A 98 -17.01 21.66 -9.19
C HIS A 98 -15.96 20.96 -10.03
N ILE A 99 -16.21 20.86 -11.33
CA ILE A 99 -15.37 20.10 -12.23
C ILE A 99 -14.14 20.92 -12.63
N PRO A 100 -12.92 20.38 -12.39
CA PRO A 100 -12.64 19.02 -11.87
C PRO A 100 -12.70 18.64 -10.40
N PHE A 101 -13.23 17.45 -10.08
CA PHE A 101 -13.30 16.91 -8.72
C PHE A 101 -11.91 16.75 -8.13
N THR A 102 -11.62 17.28 -6.92
CA THR A 102 -10.32 17.23 -6.27
C THR A 102 -10.39 16.60 -4.87
N PHE A 103 -9.27 15.97 -4.45
CA PHE A 103 -9.09 15.25 -3.18
C PHE A 103 -8.03 15.92 -2.30
N GLY A 104 -8.05 15.65 -1.00
CA GLY A 104 -7.10 16.23 -0.10
C GLY A 104 -5.84 15.41 -0.13
N SER A 105 -4.66 15.92 0.26
CA SER A 105 -3.46 15.08 0.21
C SER A 105 -3.57 13.93 1.20
N GLY A 106 -4.47 13.90 2.19
CA GLY A 106 -4.64 12.71 3.03
C GLY A 106 -4.15 12.92 4.44
N THR A 107 -4.64 12.19 5.40
CA THR A 107 -4.17 12.26 6.78
C THR A 107 -3.97 10.83 7.25
N LYS A 108 -2.77 10.51 7.72
CA LYS A 108 -2.40 9.20 8.21
C LYS A 108 -2.70 9.00 9.69
N LEU A 109 -3.54 8.07 10.06
CA LEU A 109 -3.94 7.84 11.44
C LEU A 109 -2.92 6.86 12.01
N GLU A 110 -2.29 7.15 13.15
CA GLU A 110 -1.28 6.24 13.70
C GLU A 110 -1.80 5.89 15.08
N ILE A 111 -1.84 4.63 15.52
CA ILE A 111 -2.34 4.41 16.87
C ILE A 111 -1.30 4.26 17.95
N LYS A 112 -1.40 5.17 18.94
CA LYS A 112 -0.57 5.14 20.11
C LYS A 112 -1.07 3.90 20.86
N ARG A 113 -0.15 3.08 21.34
CA ARG A 113 -0.44 1.78 21.91
C ARG A 113 0.48 1.65 23.11
N ALA A 114 0.20 0.59 23.88
CA ALA A 114 1.10 0.14 24.94
C ALA A 114 2.36 -0.38 24.22
N ASP A 115 3.43 -0.45 25.01
CA ASP A 115 4.74 -0.75 24.50
C ASP A 115 4.94 -2.26 24.35
N ALA A 116 5.86 -2.59 23.44
CA ALA A 116 6.18 -3.95 23.14
C ALA A 116 7.59 -3.96 22.61
N ALA A 117 8.27 -4.85 23.28
CA ALA A 117 9.65 -5.18 22.98
C ALA A 117 9.64 -6.02 21.72
N PRO A 118 10.49 -5.78 20.76
CA PRO A 118 10.59 -6.64 19.60
C PRO A 118 11.12 -8.04 19.79
N THR A 119 10.67 -8.99 18.93
CA THR A 119 11.24 -10.33 18.90
C THR A 119 12.31 -10.22 17.85
N VAL A 120 13.57 -10.50 18.17
CA VAL A 120 14.63 -10.33 17.18
C VAL A 120 15.31 -11.64 16.75
N SER A 121 15.49 -11.88 15.44
CA SER A 121 16.24 -13.02 14.90
C SER A 121 17.27 -12.63 13.84
N ILE A 122 18.50 -13.12 13.78
CA ILE A 122 19.45 -12.75 12.73
C ILE A 122 19.74 -14.03 11.94
N PHE A 123 19.96 -13.96 10.65
CA PHE A 123 20.22 -15.09 9.78
C PHE A 123 21.59 -14.93 9.08
N PRO A 124 22.55 -15.85 9.23
CA PRO A 124 23.67 -16.03 8.29
C PRO A 124 23.33 -15.83 6.80
N PRO A 125 24.18 -15.39 5.87
CA PRO A 125 23.99 -15.61 4.42
C PRO A 125 23.72 -17.09 4.09
N SER A 126 23.08 -17.31 2.97
CA SER A 126 22.79 -18.64 2.50
C SER A 126 23.93 -19.19 1.64
N SER A 127 24.19 -20.50 1.55
CA SER A 127 25.18 -20.97 0.61
C SER A 127 24.99 -20.43 -0.81
N GLU A 128 23.75 -20.31 -1.30
CA GLU A 128 23.48 -19.81 -2.62
C GLU A 128 24.05 -18.38 -2.80
N GLN A 129 23.82 -17.45 -1.84
CA GLN A 129 24.37 -16.13 -1.97
C GLN A 129 25.90 -16.10 -1.86
N LEU A 130 26.58 -16.89 -1.02
CA LEU A 130 28.04 -16.96 -0.99
C LEU A 130 28.58 -17.55 -2.29
N THR A 131 27.94 -18.51 -2.94
CA THR A 131 28.32 -18.94 -4.28
C THR A 131 28.21 -17.83 -5.37
N SER A 132 27.50 -16.72 -5.09
CA SER A 132 27.40 -15.60 -5.99
C SER A 132 28.37 -14.51 -5.50
N GLY A 133 29.24 -14.76 -4.51
CA GLY A 133 30.15 -13.73 -4.01
C GLY A 133 29.41 -12.57 -3.31
N GLY A 134 28.38 -12.82 -2.54
CA GLY A 134 27.67 -11.73 -1.87
C GLY A 134 27.24 -12.34 -0.58
N ALA A 135 27.22 -11.56 0.47
CA ALA A 135 26.84 -12.06 1.76
C ALA A 135 25.97 -11.02 2.43
N SER A 136 24.66 -11.20 2.48
CA SER A 136 23.78 -10.30 3.23
C SER A 136 23.43 -10.97 4.56
N VAL A 137 23.52 -10.26 5.68
CA VAL A 137 23.15 -10.82 6.98
C VAL A 137 21.83 -10.10 7.30
N VAL A 138 20.74 -10.78 7.66
CA VAL A 138 19.42 -10.18 7.89
C VAL A 138 19.00 -10.29 9.34
N CYS A 139 18.47 -9.21 9.88
CA CYS A 139 17.90 -9.17 11.18
C CYS A 139 16.43 -8.70 11.14
N PHE A 140 15.59 -9.49 11.83
CA PHE A 140 14.14 -9.26 12.01
C PHE A 140 13.87 -8.88 13.46
N LEU A 141 13.07 -7.86 13.63
CA LEU A 141 12.74 -7.22 14.87
C LEU A 141 11.27 -7.02 14.57
N ASN A 142 10.49 -8.00 15.04
CA ASN A 142 9.06 -8.09 14.75
C ASN A 142 8.17 -7.82 15.97
N ASN A 143 7.09 -7.09 15.69
CA ASN A 143 5.95 -6.73 16.56
C ASN A 143 6.27 -5.81 17.72
N PHE A 144 6.87 -4.67 17.44
CA PHE A 144 7.17 -3.72 18.51
C PHE A 144 6.35 -2.45 18.41
N TYR A 145 6.39 -1.70 19.50
CA TYR A 145 5.76 -0.40 19.61
C TYR A 145 6.52 0.23 20.76
N PRO A 146 7.05 1.46 20.72
CA PRO A 146 7.00 2.40 19.59
C PRO A 146 7.81 2.07 18.35
N LYS A 147 7.50 2.86 17.32
CA LYS A 147 8.14 2.74 16.04
C LYS A 147 9.56 3.32 16.11
N ASP A 148 9.89 4.17 17.09
CA ASP A 148 11.26 4.67 17.24
C ASP A 148 12.09 3.50 17.78
N ILE A 149 13.06 3.01 17.02
CA ILE A 149 13.94 1.94 17.45
C ILE A 149 15.24 2.22 16.68
N ASN A 150 16.39 2.19 17.33
CA ASN A 150 17.68 2.45 16.70
C ASN A 150 18.37 1.11 16.58
N VAL A 151 18.80 0.73 15.39
CA VAL A 151 19.42 -0.57 15.17
C VAL A 151 20.87 -0.33 14.75
N LYS A 152 21.80 -1.07 15.28
CA LYS A 152 23.19 -0.86 14.96
C LYS A 152 23.75 -2.24 14.64
N TRP A 153 24.50 -2.31 13.57
CA TRP A 153 25.17 -3.56 13.31
C TRP A 153 26.57 -3.43 13.88
N LYS A 154 27.13 -4.53 14.40
CA LYS A 154 28.50 -4.57 14.82
C LYS A 154 29.18 -5.79 14.19
N ILE A 155 30.46 -5.66 13.85
CA ILE A 155 31.25 -6.68 13.18
C ILE A 155 32.54 -6.72 14.02
N ASP A 156 32.82 -7.91 14.60
CA ASP A 156 33.89 -8.16 15.58
C ASP A 156 34.03 -7.04 16.63
N GLY A 157 32.91 -6.52 17.16
CA GLY A 157 32.97 -5.51 18.19
C GLY A 157 32.82 -4.07 17.71
N SER A 158 32.92 -3.80 16.41
CA SER A 158 32.89 -2.45 15.94
C SER A 158 31.68 -2.26 15.03
N GLU A 159 31.02 -1.11 15.17
CA GLU A 159 29.89 -0.72 14.38
C GLU A 159 30.24 -0.59 12.91
N ARG A 160 29.28 -0.86 12.06
CA ARG A 160 29.41 -0.75 10.62
C ARG A 160 28.11 -0.06 10.26
N GLN A 161 28.12 0.91 9.37
CA GLN A 161 26.89 1.50 8.94
C GLN A 161 27.03 1.91 7.49
N ASN A 162 27.39 0.98 6.62
CA ASN A 162 27.47 1.15 5.18
C ASN A 162 27.20 -0.28 4.67
N GLY A 163 26.18 -0.29 3.86
CA GLY A 163 25.65 -1.51 3.33
C GLY A 163 24.49 -1.94 4.23
N VAL A 164 23.78 -0.98 4.88
CA VAL A 164 22.64 -1.31 5.73
C VAL A 164 21.36 -0.81 5.08
N LEU A 165 20.34 -1.68 4.92
CA LEU A 165 19.04 -1.25 4.41
C LEU A 165 17.90 -1.76 5.29
N ASN A 166 17.19 -0.74 5.73
CA ASN A 166 16.10 -0.99 6.65
C ASN A 166 14.74 -0.94 5.96
N SER A 167 13.78 -1.71 6.42
CA SER A 167 12.47 -1.64 5.86
C SER A 167 11.53 -1.90 7.05
N TRP A 168 10.40 -1.18 7.01
CA TRP A 168 9.45 -1.11 8.10
C TRP A 168 8.09 -1.54 7.60
N THR A 169 7.31 -2.43 8.23
CA THR A 169 5.98 -2.68 7.72
C THR A 169 5.11 -1.49 8.13
N ASP A 170 3.93 -1.36 7.49
CA ASP A 170 2.90 -0.44 7.97
C ASP A 170 2.48 -0.89 9.38
N GLN A 171 1.70 -0.09 10.13
CA GLN A 171 1.35 -0.47 11.47
C GLN A 171 0.30 -1.57 11.38
N ASP A 172 0.51 -2.70 12.05
CA ASP A 172 -0.41 -3.82 12.02
C ASP A 172 -1.84 -3.45 12.41
N SER A 173 -2.88 -3.94 11.72
CA SER A 173 -4.24 -3.48 11.97
C SER A 173 -4.88 -4.16 13.14
N LYS A 174 -4.53 -5.43 13.41
CA LYS A 174 -5.17 -6.10 14.53
C LYS A 174 -4.50 -5.74 15.85
N ASP A 175 -3.19 -5.89 16.02
CA ASP A 175 -2.55 -5.58 17.31
C ASP A 175 -1.71 -4.27 17.34
N SER A 176 -1.81 -3.44 16.30
CA SER A 176 -1.10 -2.16 16.19
C SER A 176 0.42 -2.10 16.35
N THR A 177 1.19 -3.11 15.93
CA THR A 177 2.63 -3.06 16.15
C THR A 177 3.34 -2.67 14.88
N TYR A 178 4.65 -2.55 14.85
CA TYR A 178 5.42 -2.34 13.63
C TYR A 178 6.43 -3.46 13.62
N SER A 179 6.94 -3.79 12.46
CA SER A 179 7.96 -4.79 12.36
C SER A 179 8.99 -4.17 11.47
N MET A 180 10.22 -4.69 11.44
CA MET A 180 11.28 -4.12 10.65
C MET A 180 12.27 -5.23 10.37
N SER A 181 12.98 -5.00 9.29
CA SER A 181 14.01 -5.84 8.71
C SER A 181 15.18 -4.88 8.51
N SER A 182 16.39 -5.42 8.71
CA SER A 182 17.61 -4.63 8.57
C SER A 182 18.55 -5.62 7.93
N THR A 183 19.13 -5.35 6.75
CA THR A 183 20.05 -6.24 6.07
C THR A 183 21.37 -5.49 6.00
N LEU A 184 22.44 -6.24 6.19
CA LEU A 184 23.81 -5.75 6.01
C LEU A 184 24.24 -6.48 4.74
N THR A 185 24.57 -5.90 3.59
CA THR A 185 25.12 -6.71 2.51
C THR A 185 26.62 -6.38 2.48
N LEU A 186 27.40 -7.43 2.46
CA LEU A 186 28.85 -7.37 2.39
C LEU A 186 29.26 -8.17 1.15
N THR A 187 30.41 -7.91 0.58
CA THR A 187 30.86 -8.62 -0.62
C THR A 187 31.35 -10.09 -0.56
N LYS A 188 31.28 -10.90 0.51
CA LYS A 188 31.92 -12.22 0.63
C LYS A 188 33.41 -12.09 0.95
N ASP A 189 34.20 -11.31 0.23
CA ASP A 189 35.60 -11.02 0.52
C ASP A 189 35.71 -10.42 1.93
N GLU A 190 35.07 -9.28 2.18
CA GLU A 190 34.92 -8.65 3.49
C GLU A 190 34.25 -9.58 4.55
N TYR A 191 33.29 -10.40 4.13
CA TYR A 191 32.58 -11.34 4.96
C TYR A 191 33.53 -12.37 5.48
N GLU A 192 34.31 -13.01 4.64
CA GLU A 192 35.25 -14.02 5.09
C GLU A 192 36.41 -13.40 5.84
N TRP A 193 36.71 -12.07 5.92
CA TRP A 193 37.75 -11.55 6.79
C TRP A 193 37.14 -11.35 8.20
N HIS A 194 35.93 -11.76 8.57
CA HIS A 194 35.45 -11.45 9.91
C HIS A 194 34.74 -12.62 10.58
N ASN A 195 34.60 -12.59 11.88
CA ASN A 195 34.02 -13.70 12.62
C ASN A 195 32.67 -13.45 13.24
N SER A 196 32.42 -12.32 13.93
CA SER A 196 31.11 -12.13 14.55
C SER A 196 30.27 -11.00 14.06
N TYR A 197 29.00 -11.32 13.81
CA TYR A 197 28.09 -10.36 13.23
C TYR A 197 26.96 -10.14 14.24
N THR A 198 26.65 -8.89 14.54
CA THR A 198 25.75 -8.55 15.61
C THR A 198 24.77 -7.53 15.12
N CYS A 199 23.53 -7.92 15.33
CA CYS A 199 22.35 -7.09 15.14
C CYS A 199 21.96 -6.55 16.52
N GLU A 200 22.03 -5.24 16.79
CA GLU A 200 21.49 -4.83 18.06
C GLU A 200 20.58 -3.63 18.13
N ALA A 201 19.49 -3.93 18.81
CA ALA A 201 18.39 -3.04 18.88
C ALA A 201 18.26 -2.21 20.16
N THR A 202 18.21 -0.89 20.03
CA THR A 202 17.93 0.03 21.13
C THR A 202 16.45 0.41 21.02
N HIS A 203 15.62 0.05 22.01
CA HIS A 203 14.21 0.39 22.06
C HIS A 203 13.85 0.72 23.51
N LYS A 204 13.15 1.81 23.81
CA LYS A 204 12.73 2.20 25.16
C LYS A 204 12.12 1.13 26.07
N THR A 205 11.63 0.01 25.53
CA THR A 205 11.09 -1.10 26.32
C THR A 205 12.18 -1.86 27.04
N SER A 206 13.43 -1.52 26.78
CA SER A 206 14.54 -2.23 27.32
C SER A 206 15.50 -1.20 27.82
N THR A 207 16.21 -1.64 28.83
CA THR A 207 17.27 -0.85 29.41
C THR A 207 18.59 -1.37 28.81
N SER A 208 18.63 -2.67 28.48
CA SER A 208 19.77 -3.24 27.78
C SER A 208 19.58 -3.01 26.26
N PRO A 209 20.58 -3.06 25.40
CA PRO A 209 20.36 -3.29 23.97
C PRO A 209 19.84 -4.71 23.82
N ILE A 210 18.95 -5.00 22.88
CA ILE A 210 18.56 -6.40 22.60
C ILE A 210 19.61 -6.80 21.56
N VAL A 211 20.42 -7.85 21.78
CA VAL A 211 21.54 -8.20 20.91
C VAL A 211 21.36 -9.59 20.32
N LYS A 212 21.54 -9.81 19.03
CA LYS A 212 21.52 -11.13 18.48
C LYS A 212 22.77 -11.19 17.60
N SER A 213 23.47 -12.34 17.68
CA SER A 213 24.71 -12.59 16.97
C SER A 213 24.67 -13.95 16.34
N PHE A 214 25.77 -14.28 15.70
CA PHE A 214 26.12 -15.61 15.25
C PHE A 214 27.60 -15.46 14.86
N ASN A 215 28.31 -16.57 14.76
CA ASN A 215 29.70 -16.54 14.32
C ASN A 215 29.80 -17.38 13.08
N ARG A 216 30.63 -16.95 12.14
CA ARG A 216 31.03 -17.79 11.03
C ARG A 216 31.80 -18.98 11.57
N GLN B 1 -22.53 -10.06 -4.82
CA GLN B 1 -22.69 -8.70 -4.33
C GLN B 1 -22.15 -7.80 -5.47
N ILE B 2 -21.77 -6.54 -5.26
CA ILE B 2 -21.38 -5.61 -6.29
C ILE B 2 -19.87 -5.60 -6.36
N GLN B 3 -19.26 -5.81 -7.52
CA GLN B 3 -17.81 -5.87 -7.67
C GLN B 3 -17.43 -5.12 -8.94
N LEU B 4 -16.28 -4.45 -8.89
CA LEU B 4 -15.70 -3.78 -10.04
C LEU B 4 -14.27 -4.33 -10.11
N VAL B 5 -14.07 -5.37 -10.89
CA VAL B 5 -12.77 -6.03 -11.00
C VAL B 5 -11.99 -5.44 -12.17
N GLN B 6 -10.73 -5.18 -11.92
CA GLN B 6 -9.86 -4.56 -12.91
C GLN B 6 -8.77 -5.49 -13.37
N SER B 7 -8.24 -5.18 -14.55
CA SER B 7 -7.12 -6.02 -15.05
C SER B 7 -5.84 -5.92 -14.21
N GLY B 8 -4.82 -6.74 -14.40
CA GLY B 8 -3.67 -6.74 -13.51
C GLY B 8 -2.53 -5.79 -13.88
N PRO B 9 -1.41 -5.73 -13.14
CA PRO B 9 -0.29 -4.83 -13.39
C PRO B 9 0.32 -4.99 -14.74
N GLU B 10 0.59 -3.88 -15.39
CA GLU B 10 1.14 -3.89 -16.72
C GLU B 10 2.48 -3.17 -16.59
N LEU B 11 3.46 -3.64 -17.33
CA LEU B 11 4.76 -3.00 -17.37
C LEU B 11 4.81 -2.66 -18.84
N LYS B 12 5.08 -1.37 -19.06
CA LYS B 12 5.12 -0.83 -20.40
C LYS B 12 6.37 0.01 -20.62
N THR B 13 6.82 0.01 -21.86
CA THR B 13 7.87 0.89 -22.31
C THR B 13 7.25 2.25 -22.74
N PRO B 14 7.95 3.39 -22.66
CA PRO B 14 7.39 4.70 -23.03
C PRO B 14 6.95 4.82 -24.49
N GLY B 15 5.73 5.18 -24.81
CA GLY B 15 5.35 5.27 -26.21
C GLY B 15 4.34 4.24 -26.63
N GLU B 16 4.25 3.21 -25.78
CA GLU B 16 3.28 2.13 -25.82
C GLU B 16 1.88 2.64 -25.44
N THR B 17 0.94 1.71 -25.52
CA THR B 17 -0.48 1.91 -25.35
C THR B 17 -0.88 0.85 -24.34
N VAL B 18 -1.73 1.20 -23.37
CA VAL B 18 -2.32 0.25 -22.44
C VAL B 18 -3.82 0.47 -22.49
N ARG B 19 -4.54 -0.58 -22.16
CA ARG B 19 -5.98 -0.57 -22.05
C ARG B 19 -6.21 -1.31 -20.72
N ILE B 20 -7.06 -0.75 -19.87
CA ILE B 20 -7.34 -1.23 -18.52
C ILE B 20 -8.83 -1.53 -18.47
N SER B 21 -9.27 -2.77 -18.19
CA SER B 21 -10.68 -3.04 -18.21
C SER B 21 -11.30 -2.85 -16.81
N CYS B 22 -12.60 -2.47 -16.73
CA CYS B 22 -13.27 -2.35 -15.43
C CYS B 22 -14.56 -3.13 -15.57
N LYS B 23 -14.68 -4.34 -15.06
CA LYS B 23 -15.86 -5.18 -15.31
C LYS B 23 -16.73 -5.07 -14.07
N ALA B 24 -17.97 -4.70 -14.25
CA ALA B 24 -18.88 -4.45 -13.16
C ALA B 24 -19.83 -5.61 -13.02
N SER B 25 -20.02 -6.15 -11.84
CA SER B 25 -20.95 -7.24 -11.69
C SER B 25 -21.80 -6.95 -10.48
N GLY B 26 -23.07 -7.33 -10.56
CA GLY B 26 -23.93 -7.29 -9.38
C GLY B 26 -24.91 -6.15 -9.42
N TYR B 27 -24.89 -5.36 -10.48
CA TYR B 27 -25.79 -4.23 -10.63
C TYR B 27 -25.90 -3.96 -12.14
N THR B 28 -26.94 -3.25 -12.53
CA THR B 28 -27.10 -2.84 -13.91
C THR B 28 -26.14 -1.72 -14.26
N PHE B 29 -25.08 -2.06 -15.00
CA PHE B 29 -24.05 -1.19 -15.54
C PHE B 29 -24.49 0.18 -16.07
N THR B 30 -25.56 0.31 -16.85
CA THR B 30 -26.00 1.59 -17.39
C THR B 30 -26.73 2.51 -16.42
N THR B 31 -26.74 2.29 -15.10
CA THR B 31 -27.45 3.18 -14.24
C THR B 31 -26.55 4.01 -13.36
N TYR B 32 -25.27 3.69 -13.26
CA TYR B 32 -24.32 4.57 -12.54
C TYR B 32 -23.21 5.09 -13.43
N GLY B 33 -22.86 6.36 -13.29
CA GLY B 33 -21.78 6.93 -14.08
C GLY B 33 -20.44 6.36 -13.60
N MET B 34 -19.44 6.19 -14.45
CA MET B 34 -18.16 5.62 -14.03
C MET B 34 -17.11 6.69 -14.05
N SER B 35 -16.31 6.82 -13.00
CA SER B 35 -15.13 7.66 -13.00
C SER B 35 -13.86 6.81 -13.10
N TRP B 36 -12.78 7.47 -13.50
CA TRP B 36 -11.43 6.89 -13.56
C TRP B 36 -10.58 7.89 -12.78
N VAL B 37 -9.77 7.44 -11.82
CA VAL B 37 -8.93 8.24 -10.93
C VAL B 37 -7.57 7.51 -10.80
N LYS B 38 -6.58 8.39 -10.80
CA LYS B 38 -5.17 8.11 -10.83
C LYS B 38 -4.65 8.30 -9.41
N GLN B 39 -3.82 7.42 -8.89
CA GLN B 39 -3.28 7.56 -7.58
C GLN B 39 -1.79 7.47 -7.77
N THR B 40 -1.06 8.57 -7.68
CA THR B 40 0.34 8.47 -7.93
C THR B 40 0.97 8.13 -6.60
N PRO B 41 1.89 7.13 -6.62
CA PRO B 41 2.70 6.65 -5.48
C PRO B 41 3.36 7.81 -4.78
N GLY B 42 2.84 8.19 -3.65
CA GLY B 42 3.38 9.35 -2.97
C GLY B 42 2.49 10.57 -3.21
N LYS B 43 2.44 11.18 -4.41
CA LYS B 43 1.68 12.40 -4.66
C LYS B 43 0.15 12.43 -4.53
N GLY B 44 -0.58 11.36 -4.17
CA GLY B 44 -2.03 11.40 -3.98
C GLY B 44 -2.85 11.14 -5.24
N PHE B 45 -4.18 11.29 -5.12
CA PHE B 45 -5.18 11.03 -6.15
C PHE B 45 -5.55 12.14 -7.12
N LYS B 46 -5.60 12.03 -8.46
CA LYS B 46 -6.19 13.08 -9.34
C LYS B 46 -7.42 12.42 -9.98
N TRP B 47 -8.60 13.05 -10.09
CA TRP B 47 -9.73 12.49 -10.86
C TRP B 47 -9.44 12.76 -12.33
N MET B 48 -9.63 11.74 -13.15
CA MET B 48 -9.34 11.81 -14.58
C MET B 48 -10.50 12.22 -15.49
N GLY B 49 -11.74 12.07 -15.01
CA GLY B 49 -12.90 12.35 -15.84
C GLY B 49 -13.87 11.21 -15.59
N TRP B 50 -14.98 11.19 -16.32
CA TRP B 50 -15.97 10.14 -16.08
C TRP B 50 -16.61 9.83 -17.42
N ILE B 51 -17.41 8.78 -17.52
CA ILE B 51 -18.18 8.46 -18.71
C ILE B 51 -19.52 7.94 -18.23
N ASN B 52 -20.51 8.57 -18.85
CA ASN B 52 -21.93 8.29 -18.57
C ASN B 52 -22.19 6.94 -19.20
N THR B 53 -22.49 5.87 -18.46
CA THR B 53 -22.64 4.57 -19.07
C THR B 53 -23.91 4.40 -19.88
N TYR B 54 -24.90 5.29 -19.71
CA TYR B 54 -26.12 5.32 -20.49
C TYR B 54 -25.97 5.98 -21.85
N SER B 55 -25.57 7.24 -21.93
CA SER B 55 -25.39 7.89 -23.19
C SER B 55 -24.13 7.45 -23.90
N GLY B 56 -23.16 6.80 -23.24
CA GLY B 56 -21.85 6.51 -23.82
C GLY B 56 -21.02 7.79 -23.96
N VAL B 57 -21.42 8.96 -23.42
CA VAL B 57 -20.69 10.22 -23.65
C VAL B 57 -19.61 10.44 -22.57
N PRO B 58 -18.31 10.59 -22.90
CA PRO B 58 -17.19 10.76 -21.95
C PRO B 58 -16.85 12.17 -21.55
N THR B 59 -16.39 12.50 -20.32
CA THR B 59 -15.95 13.85 -19.97
C THR B 59 -14.51 13.81 -19.48
N TYR B 60 -13.53 14.42 -20.12
CA TYR B 60 -12.16 14.25 -19.65
C TYR B 60 -11.78 15.43 -18.85
N ALA B 61 -10.98 15.34 -17.79
CA ALA B 61 -10.55 16.54 -17.07
C ALA B 61 -9.44 17.23 -17.88
N ASP B 62 -9.32 18.58 -17.94
CA ASP B 62 -8.29 19.31 -18.68
C ASP B 62 -6.89 18.67 -18.72
N ASP B 63 -6.30 18.22 -17.63
CA ASP B 63 -4.98 17.59 -17.72
C ASP B 63 -5.03 16.15 -18.19
N PHE B 64 -6.15 15.65 -18.71
CA PHE B 64 -6.16 14.31 -19.30
C PHE B 64 -6.86 14.25 -20.65
N LYS B 65 -7.13 15.41 -21.25
CA LYS B 65 -7.69 15.41 -22.60
C LYS B 65 -6.52 15.06 -23.49
N GLY B 66 -6.71 14.29 -24.56
CA GLY B 66 -5.62 14.02 -25.46
C GLY B 66 -5.31 12.58 -25.63
N ARG B 67 -4.50 12.04 -24.73
CA ARG B 67 -4.03 10.66 -24.78
C ARG B 67 -4.87 9.65 -23.98
N PHE B 68 -6.03 10.07 -23.51
CA PHE B 68 -6.80 9.19 -22.66
C PHE B 68 -8.16 8.91 -23.26
N ALA B 69 -8.59 7.64 -23.35
CA ALA B 69 -9.88 7.36 -23.87
C ALA B 69 -10.62 6.48 -22.92
N PHE B 70 -11.87 6.85 -22.67
CA PHE B 70 -12.76 6.05 -21.86
C PHE B 70 -13.66 5.46 -22.94
N SER B 71 -13.94 4.18 -22.85
CA SER B 71 -14.88 3.58 -23.78
C SER B 71 -15.61 2.53 -22.97
N LEU B 72 -16.59 1.90 -23.60
CA LEU B 72 -17.52 1.02 -22.94
C LEU B 72 -17.76 -0.16 -23.85
N GLU B 73 -18.12 -1.28 -23.20
CA GLU B 73 -18.70 -2.46 -23.82
C GLU B 73 -19.91 -2.76 -22.90
N THR B 74 -21.12 -2.25 -23.11
CA THR B 74 -22.22 -2.45 -22.18
C THR B 74 -22.81 -3.82 -22.17
N SER B 75 -22.63 -4.68 -23.15
CA SER B 75 -23.13 -6.05 -23.11
C SER B 75 -22.21 -6.87 -22.22
N ALA B 76 -21.00 -6.34 -22.03
CA ALA B 76 -20.06 -7.04 -21.22
C ALA B 76 -19.95 -6.36 -19.88
N SER B 77 -20.75 -5.34 -19.55
CA SER B 77 -20.61 -4.60 -18.31
C SER B 77 -19.17 -4.14 -17.97
N THR B 78 -18.47 -3.66 -18.98
CA THR B 78 -17.09 -3.29 -18.84
C THR B 78 -16.80 -1.90 -19.41
N ALA B 79 -16.02 -1.13 -18.60
CA ALA B 79 -15.56 0.21 -18.91
C ALA B 79 -14.10 -0.01 -19.24
N TYR B 80 -13.55 0.80 -20.13
CA TYR B 80 -12.16 0.69 -20.53
C TYR B 80 -11.49 2.06 -20.47
N LEU B 81 -10.21 2.05 -20.07
CA LEU B 81 -9.40 3.25 -20.09
C LEU B 81 -8.22 2.89 -21.00
N GLN B 82 -8.01 3.75 -22.02
CA GLN B 82 -6.90 3.61 -22.94
C GLN B 82 -6.01 4.82 -22.75
N ILE B 83 -4.72 4.58 -22.59
CA ILE B 83 -3.69 5.59 -22.49
C ILE B 83 -2.66 5.36 -23.60
N ASN B 84 -2.56 6.31 -24.52
CA ASN B 84 -1.64 6.22 -25.65
C ASN B 84 -0.41 7.05 -25.37
N ASN B 85 0.63 6.66 -26.10
CA ASN B 85 1.96 7.25 -26.08
C ASN B 85 2.42 7.57 -24.66
N LEU B 86 2.35 6.46 -23.96
CA LEU B 86 2.64 6.36 -22.56
C LEU B 86 3.92 7.09 -22.17
N LYS B 87 3.76 8.09 -21.31
CA LYS B 87 4.89 8.78 -20.68
C LYS B 87 5.25 8.14 -19.36
N ASN B 88 6.51 8.28 -18.97
CA ASN B 88 6.99 7.82 -17.67
C ASN B 88 6.09 8.15 -16.51
N GLU B 89 5.62 9.39 -16.60
CA GLU B 89 4.82 10.08 -15.63
C GLU B 89 3.46 9.50 -15.44
N ASP B 90 3.15 8.48 -16.20
CA ASP B 90 1.88 7.81 -16.11
C ASP B 90 1.98 6.62 -15.18
N THR B 91 3.11 6.26 -14.61
CA THR B 91 3.21 5.18 -13.64
C THR B 91 2.33 5.58 -12.44
N ALA B 92 1.29 4.78 -12.21
CA ALA B 92 0.32 5.03 -11.14
C ALA B 92 -0.57 3.79 -11.03
N THR B 93 -1.42 3.79 -10.01
CA THR B 93 -2.48 2.83 -9.93
C THR B 93 -3.66 3.61 -10.47
N TYR B 94 -4.48 2.94 -11.29
CA TYR B 94 -5.68 3.56 -11.85
C TYR B 94 -6.87 2.79 -11.26
N PHE B 95 -7.94 3.56 -11.01
CA PHE B 95 -9.17 3.04 -10.46
C PHE B 95 -10.36 3.43 -11.24
N CYS B 96 -11.29 2.52 -11.41
CA CYS B 96 -12.59 2.89 -11.93
C CYS B 96 -13.42 3.09 -10.66
N ALA B 97 -14.39 3.98 -10.62
CA ALA B 97 -15.22 4.20 -9.44
C ALA B 97 -16.65 4.42 -9.91
N ARG B 98 -17.61 3.78 -9.29
CA ARG B 98 -19.04 3.93 -9.57
C ARG B 98 -19.49 5.15 -8.78
N ARG B 99 -20.24 6.08 -9.37
CA ARG B 99 -20.73 7.22 -8.59
C ARG B 99 -22.21 7.47 -8.76
N SER B 100 -22.82 7.62 -7.59
CA SER B 100 -24.19 8.05 -7.47
C SER B 100 -24.19 9.38 -6.71
N TRP B 101 -24.26 9.52 -5.40
CA TRP B 101 -24.04 10.83 -4.81
C TRP B 101 -22.62 10.86 -4.23
N TYR B 102 -21.91 9.73 -4.41
CA TYR B 102 -20.63 9.37 -3.85
C TYR B 102 -20.08 8.19 -4.67
N PHE B 103 -18.80 7.87 -4.43
CA PHE B 103 -18.15 6.70 -4.97
C PHE B 103 -18.35 5.67 -3.87
N ASP B 104 -19.42 4.89 -3.92
CA ASP B 104 -19.54 3.83 -2.96
C ASP B 104 -18.78 2.58 -3.31
N VAL B 105 -18.44 2.27 -4.57
CA VAL B 105 -17.72 1.04 -4.91
C VAL B 105 -16.58 1.48 -5.85
N TRP B 106 -15.33 1.05 -5.56
CA TRP B 106 -14.11 1.43 -6.23
C TRP B 106 -13.53 0.13 -6.77
N GLY B 107 -12.89 0.18 -7.94
CA GLY B 107 -12.35 -1.02 -8.53
C GLY B 107 -11.11 -1.43 -7.76
N THR B 108 -10.75 -2.69 -7.96
CA THR B 108 -9.56 -3.31 -7.44
C THR B 108 -8.27 -2.57 -7.68
N GLY B 109 -8.07 -1.86 -8.79
CA GLY B 109 -6.87 -1.08 -9.07
C GLY B 109 -5.91 -1.87 -9.97
N THR B 110 -5.30 -1.15 -10.90
CA THR B 110 -4.36 -1.68 -11.87
C THR B 110 -3.11 -0.85 -11.84
N THR B 111 -1.97 -1.36 -11.40
CA THR B 111 -0.79 -0.52 -11.53
C THR B 111 -0.14 -0.58 -12.94
N VAL B 112 0.30 0.56 -13.45
CA VAL B 112 1.00 0.58 -14.72
C VAL B 112 2.37 1.13 -14.32
N THR B 113 3.46 0.52 -14.80
CA THR B 113 4.79 1.05 -14.52
C THR B 113 5.27 1.30 -15.93
N VAL B 114 5.56 2.56 -16.30
CA VAL B 114 6.13 2.83 -17.60
C VAL B 114 7.64 2.89 -17.35
N SER B 115 8.56 2.26 -18.08
CA SER B 115 10.00 2.28 -17.74
C SER B 115 10.81 1.71 -18.88
N SER B 116 11.92 2.31 -19.28
CA SER B 116 12.79 1.73 -20.26
C SER B 116 13.86 0.89 -19.57
N ALA B 117 13.72 0.63 -18.25
CA ALA B 117 14.66 -0.22 -17.52
C ALA B 117 14.34 -1.69 -17.81
N LYS B 118 15.28 -2.65 -17.87
CA LYS B 118 14.95 -4.05 -18.20
C LYS B 118 14.48 -4.96 -17.07
N THR B 119 13.44 -5.75 -17.33
CA THR B 119 12.86 -6.64 -16.37
C THR B 119 13.94 -7.65 -15.96
N THR B 120 14.08 -7.82 -14.65
CA THR B 120 15.10 -8.62 -14.02
C THR B 120 14.44 -9.55 -12.98
N PRO B 121 14.57 -10.87 -13.13
CA PRO B 121 14.10 -11.83 -12.15
C PRO B 121 14.88 -11.84 -10.85
N PRO B 122 14.18 -12.06 -9.73
CA PRO B 122 14.76 -12.15 -8.38
C PRO B 122 15.71 -13.29 -8.20
N SER B 123 16.62 -13.08 -7.24
CA SER B 123 17.40 -14.24 -6.77
C SER B 123 16.71 -14.48 -5.41
N VAL B 124 16.19 -15.67 -5.07
CA VAL B 124 15.55 -15.72 -3.77
C VAL B 124 16.36 -16.64 -2.91
N TYR B 125 16.55 -16.15 -1.71
CA TYR B 125 17.39 -16.89 -0.77
C TYR B 125 16.65 -17.30 0.53
N PRO B 126 16.77 -18.56 0.89
CA PRO B 126 16.28 -19.10 2.13
C PRO B 126 17.09 -18.68 3.37
N LEU B 127 16.33 -18.31 4.43
CA LEU B 127 16.93 -17.90 5.67
C LEU B 127 16.43 -18.88 6.72
N ALA B 128 17.31 -19.84 6.96
CA ALA B 128 17.16 -20.88 7.96
C ALA B 128 17.89 -20.42 9.22
N PRO B 129 17.60 -20.96 10.44
CA PRO B 129 18.25 -20.64 11.69
C PRO B 129 19.59 -21.31 11.75
N GLY B 130 20.53 -20.61 12.15
N SER B 131 8.15 -24.21 20.69
CA SER B 131 7.83 -22.84 20.99
C SER B 131 7.77 -22.25 19.59
N MET B 132 8.50 -21.20 19.17
CA MET B 132 8.29 -20.60 17.87
C MET B 132 9.64 -20.44 17.17
N VAL B 133 9.73 -20.50 15.83
CA VAL B 133 10.97 -20.44 15.04
C VAL B 133 10.59 -19.44 13.94
N THR B 134 11.50 -18.52 13.60
CA THR B 134 11.27 -17.56 12.54
C THR B 134 12.20 -17.94 11.38
N LEU B 135 11.54 -18.07 10.22
CA LEU B 135 12.12 -18.44 8.94
C LEU B 135 11.94 -17.33 7.96
N GLY B 136 12.85 -17.27 7.00
CA GLY B 136 12.79 -16.20 6.05
C GLY B 136 13.10 -16.61 4.63
N CYS B 137 12.84 -15.67 3.72
CA CYS B 137 13.17 -15.76 2.34
C CYS B 137 13.66 -14.33 1.99
N LEU B 138 14.85 -14.10 1.44
CA LEU B 138 15.37 -12.78 1.10
C LEU B 138 15.28 -12.73 -0.43
N VAL B 139 14.62 -11.75 -1.00
CA VAL B 139 14.43 -11.72 -2.44
C VAL B 139 15.25 -10.55 -3.00
N LYS B 140 16.28 -10.78 -3.81
CA LYS B 140 17.22 -9.74 -4.14
C LYS B 140 17.44 -9.44 -5.62
N GLY B 141 17.48 -8.14 -5.95
CA GLY B 141 17.78 -7.66 -7.29
C GLY B 141 16.68 -7.84 -8.35
N TYR B 142 15.45 -7.43 -8.19
CA TYR B 142 14.49 -7.62 -9.26
C TYR B 142 14.11 -6.24 -9.75
N PHE B 143 13.53 -6.11 -10.92
CA PHE B 143 12.88 -4.90 -11.40
C PHE B 143 11.92 -5.43 -12.43
N PRO B 144 10.70 -4.90 -12.58
CA PRO B 144 10.06 -3.97 -11.64
C PRO B 144 9.35 -4.65 -10.46
N GLU B 145 8.60 -3.78 -9.80
CA GLU B 145 7.64 -4.20 -8.78
C GLU B 145 6.38 -4.46 -9.58
N PRO B 146 5.43 -5.36 -9.25
CA PRO B 146 5.37 -6.12 -8.01
C PRO B 146 6.02 -7.51 -7.97
N VAL B 147 6.10 -8.09 -6.76
CA VAL B 147 6.60 -9.46 -6.56
C VAL B 147 5.59 -9.95 -5.52
N THR B 148 5.08 -11.16 -5.60
CA THR B 148 4.23 -11.68 -4.56
C THR B 148 5.00 -12.81 -3.93
N VAL B 149 4.99 -12.80 -2.60
CA VAL B 149 5.63 -13.81 -1.78
C VAL B 149 4.49 -14.49 -1.03
N THR B 150 4.49 -15.79 -0.90
CA THR B 150 3.57 -16.52 -0.05
C THR B 150 4.43 -17.62 0.58
N TRP B 151 3.82 -18.34 1.51
CA TRP B 151 4.45 -19.40 2.27
C TRP B 151 3.49 -20.57 2.10
N ASN B 152 4.01 -21.68 1.60
CA ASN B 152 3.27 -22.89 1.32
C ASN B 152 2.00 -22.63 0.50
N SER B 153 2.29 -21.97 -0.61
CA SER B 153 1.32 -21.52 -1.58
C SER B 153 0.11 -20.92 -0.89
N GLY B 154 0.41 -20.14 0.16
CA GLY B 154 -0.66 -19.40 0.78
C GLY B 154 -1.34 -20.16 1.86
N SER B 155 -1.21 -21.46 2.10
CA SER B 155 -1.93 -22.01 3.25
C SER B 155 -1.28 -21.65 4.57
N LEU B 156 -0.22 -20.88 4.60
CA LEU B 156 0.45 -20.52 5.82
C LEU B 156 0.44 -19.04 5.71
N SER B 157 -0.67 -18.57 6.21
CA SER B 157 -0.98 -17.17 6.30
C SER B 157 -0.55 -16.49 7.59
N SER B 158 -0.81 -17.04 8.77
CA SER B 158 -0.44 -16.47 10.08
C SER B 158 1.03 -16.29 10.39
N GLY B 159 1.42 -15.35 11.22
CA GLY B 159 2.81 -15.20 11.57
C GLY B 159 3.72 -14.64 10.48
N VAL B 160 3.14 -14.16 9.37
CA VAL B 160 3.93 -13.78 8.19
C VAL B 160 4.18 -12.29 8.12
N HIS B 161 5.31 -11.83 7.57
CA HIS B 161 5.47 -10.39 7.35
C HIS B 161 6.37 -10.20 6.17
N THR B 162 5.93 -9.41 5.22
CA THR B 162 6.76 -9.08 4.09
C THR B 162 7.09 -7.60 4.25
N PHE B 163 8.33 -7.19 4.20
CA PHE B 163 8.63 -5.80 4.41
C PHE B 163 8.54 -5.15 3.04
N PRO B 164 8.16 -3.89 2.92
CA PRO B 164 8.19 -3.18 1.66
C PRO B 164 9.52 -3.31 0.93
N ALA B 165 9.49 -3.42 -0.40
CA ALA B 165 10.72 -3.40 -1.21
C ALA B 165 11.56 -2.10 -1.08
N VAL B 166 12.88 -2.18 -1.04
CA VAL B 166 13.67 -0.97 -1.08
C VAL B 166 14.38 -1.02 -2.43
N LEU B 167 14.58 0.15 -2.96
CA LEU B 167 15.21 0.30 -4.24
C LEU B 167 16.63 0.58 -3.89
N GLN B 168 17.62 -0.03 -4.52
CA GLN B 168 18.99 0.37 -4.31
C GLN B 168 19.63 -0.18 -5.57
N SER B 169 20.14 0.80 -6.32
CA SER B 169 20.63 0.68 -7.70
C SER B 169 19.33 0.90 -8.47
N ASP B 170 19.23 0.26 -9.66
CA ASP B 170 18.03 0.14 -10.47
C ASP B 170 17.13 -0.94 -9.88
N LEU B 171 17.59 -1.68 -8.85
CA LEU B 171 16.95 -2.90 -8.45
C LEU B 171 16.28 -2.87 -7.08
N TYR B 172 15.28 -3.72 -6.89
CA TYR B 172 14.60 -3.85 -5.61
C TYR B 172 15.04 -5.06 -4.78
N THR B 173 14.87 -4.98 -3.46
CA THR B 173 15.04 -6.11 -2.58
C THR B 173 13.95 -6.11 -1.50
N LEU B 174 13.49 -7.27 -0.99
CA LEU B 174 12.49 -7.31 0.08
C LEU B 174 12.68 -8.63 0.79
N SER B 175 12.22 -8.70 2.03
CA SER B 175 12.29 -9.89 2.84
C SER B 175 10.88 -10.32 3.23
N SER B 176 10.66 -11.59 3.52
CA SER B 176 9.40 -12.02 4.10
C SER B 176 9.77 -12.97 5.25
N SER B 177 9.02 -13.01 6.36
CA SER B 177 9.36 -13.91 7.45
C SER B 177 8.14 -14.68 7.92
N VAL B 178 8.27 -15.89 8.46
CA VAL B 178 7.12 -16.62 8.93
C VAL B 178 7.55 -17.24 10.25
N THR B 179 6.71 -17.14 11.27
CA THR B 179 6.99 -17.77 12.54
C THR B 179 6.05 -18.91 12.71
N VAL B 180 6.62 -20.07 12.97
CA VAL B 180 5.95 -21.35 13.07
C VAL B 180 6.37 -21.96 14.44
N PRO B 181 5.60 -22.94 14.98
CA PRO B 181 5.96 -23.74 16.14
C PRO B 181 7.22 -24.59 15.99
N SER B 182 8.15 -24.61 16.92
CA SER B 182 9.37 -25.37 16.83
C SER B 182 9.17 -26.83 16.52
N SER B 183 8.24 -27.51 17.19
CA SER B 183 7.98 -28.92 16.93
C SER B 183 7.46 -29.30 15.56
N PRO B 184 6.81 -28.39 14.81
CA PRO B 184 6.86 -28.27 13.37
C PRO B 184 8.07 -28.08 12.45
N ARG B 185 9.06 -27.20 12.55
CA ARG B 185 10.07 -27.13 11.50
C ARG B 185 11.20 -28.00 12.03
N PRO B 186 11.88 -28.89 11.30
CA PRO B 186 11.59 -29.23 9.92
C PRO B 186 10.60 -30.33 9.67
N SER B 187 9.84 -30.85 10.62
CA SER B 187 8.98 -32.01 10.36
C SER B 187 8.00 -31.73 9.19
N GLU B 188 7.36 -30.57 9.36
CA GLU B 188 6.36 -30.03 8.46
C GLU B 188 7.00 -28.90 7.64
N THR B 189 7.24 -29.23 6.37
CA THR B 189 7.91 -28.39 5.41
C THR B 189 7.41 -26.98 5.28
N VAL B 190 8.34 -26.02 5.31
CA VAL B 190 8.01 -24.62 5.10
C VAL B 190 8.65 -24.22 3.74
N THR B 191 7.90 -23.73 2.77
CA THR B 191 8.48 -23.32 1.50
C THR B 191 8.00 -21.91 1.28
N CYS B 192 8.93 -21.11 0.82
CA CYS B 192 8.68 -19.75 0.38
C CYS B 192 8.37 -19.73 -1.11
N ASN B 193 7.35 -19.07 -1.68
CA ASN B 193 7.03 -19.10 -3.12
C ASN B 193 7.06 -17.67 -3.58
N VAL B 194 7.74 -17.30 -4.67
CA VAL B 194 7.82 -15.91 -5.08
C VAL B 194 7.54 -15.85 -6.57
N ALA B 195 6.50 -15.13 -6.94
CA ALA B 195 6.11 -15.03 -8.34
C ALA B 195 6.44 -13.62 -8.74
N HIS B 196 7.10 -13.32 -9.83
CA HIS B 196 7.39 -11.93 -10.24
C HIS B 196 6.72 -11.92 -11.62
N PRO B 197 5.56 -11.29 -11.76
CA PRO B 197 4.77 -11.28 -13.00
C PRO B 197 5.50 -10.71 -14.22
N ALA B 198 6.22 -9.61 -14.04
CA ALA B 198 6.91 -9.00 -15.15
C ALA B 198 7.98 -9.80 -15.83
N SER B 199 8.61 -10.74 -15.17
CA SER B 199 9.57 -11.57 -15.82
C SER B 199 8.90 -12.93 -15.96
N SER B 200 7.60 -13.15 -15.75
CA SER B 200 6.99 -14.50 -15.83
C SER B 200 7.73 -15.60 -15.09
N THR B 201 8.18 -15.33 -13.86
CA THR B 201 8.98 -16.28 -13.11
C THR B 201 8.28 -16.63 -11.80
N LYS B 202 8.37 -17.87 -11.32
CA LYS B 202 7.84 -18.18 -10.02
C LYS B 202 8.90 -19.09 -9.45
N VAL B 203 9.56 -18.74 -8.34
CA VAL B 203 10.54 -19.64 -7.67
C VAL B 203 9.99 -20.17 -6.32
N ASP B 204 10.21 -21.42 -5.95
CA ASP B 204 9.75 -21.96 -4.69
C ASP B 204 11.00 -22.44 -3.96
N LYS B 205 11.25 -21.94 -2.72
CA LYS B 205 12.42 -22.27 -1.89
C LYS B 205 12.05 -22.95 -0.61
N LYS B 206 12.37 -24.21 -0.39
CA LYS B 206 12.02 -24.89 0.85
C LYS B 206 13.08 -24.61 1.89
N ILE B 207 12.78 -24.15 3.10
CA ILE B 207 13.78 -23.83 4.12
C ILE B 207 14.21 -25.12 4.76
N VAL B 208 15.50 -25.45 4.67
CA VAL B 208 15.97 -26.68 5.28
C VAL B 208 16.97 -26.33 6.36
N PRO B 209 17.09 -27.11 7.44
CA PRO B 209 18.15 -26.90 8.43
C PRO B 209 19.50 -26.88 7.75
N ARG B 210 20.24 -25.87 8.19
CA ARG B 210 21.57 -25.65 7.66
C ARG B 210 22.57 -26.44 8.49
N VAL C 3 -26.10 16.09 -10.62
CA VAL C 3 -25.13 15.75 -9.58
C VAL C 3 -23.91 15.58 -10.51
N PRO C 4 -22.87 16.40 -10.38
CA PRO C 4 -21.69 16.39 -11.25
C PRO C 4 -21.13 14.99 -11.41
N GLY C 5 -20.77 14.53 -12.61
CA GLY C 5 -20.20 13.18 -12.75
C GLY C 5 -21.14 12.06 -12.42
N SER C 6 -22.45 12.01 -12.67
CA SER C 6 -23.24 10.92 -12.07
C SER C 6 -24.43 10.13 -12.61
N GLN C 7 -25.23 10.59 -13.54
CA GLN C 7 -26.52 9.95 -13.90
C GLN C 7 -27.51 9.86 -12.74
N HIS C 8 -27.23 10.39 -11.54
CA HIS C 8 -28.26 10.44 -10.52
C HIS C 8 -28.78 11.87 -10.42
N ILE C 9 -29.92 11.94 -9.77
CA ILE C 9 -30.75 13.12 -9.61
C ILE C 9 -30.63 13.48 -8.13
N ASP C 10 -30.95 14.73 -7.80
CA ASP C 10 -30.93 15.23 -6.43
C ASP C 10 -31.84 16.44 -6.42
N SER C 11 -32.39 16.87 -5.29
CA SER C 11 -33.23 18.05 -5.30
C SER C 11 -32.42 19.32 -5.01
N GLN C 12 -32.89 20.48 -5.45
CA GLN C 12 -32.23 21.74 -5.19
C GLN C 12 -32.53 22.15 -3.75
N LYS C 13 -31.82 23.15 -3.26
CA LYS C 13 -31.99 23.64 -1.91
C LYS C 13 -32.20 25.13 -1.88
N LYS C 14 -33.43 25.58 -1.55
CA LYS C 14 -33.72 27.01 -1.44
C LYS C 14 -33.05 27.61 -0.22
C1 CIT D . -23.81 20.59 -12.49
O1 CIT D . -24.75 21.41 -12.49
O2 CIT D . -24.06 19.37 -12.31
C2 CIT D . -22.38 21.14 -12.20
C3 CIT D . -22.10 22.62 -12.46
O7 CIT D . -21.48 23.14 -13.60
C4 CIT D . -20.74 22.28 -11.78
C5 CIT D . -19.62 23.33 -11.56
O3 CIT D . -18.46 22.99 -11.82
O4 CIT D . -19.85 24.41 -11.02
C6 CIT D . -22.74 23.67 -11.54
O5 CIT D . -22.61 24.89 -11.75
O6 CIT D . -23.26 23.30 -10.48
#